data_1BN0
#
_entry.id   1BN0
#
_cell.length_a   1.000
_cell.length_b   1.000
_cell.length_c   1.000
_cell.angle_alpha   90.00
_cell.angle_beta   90.00
_cell.angle_gamma   90.00
#
_symmetry.space_group_name_H-M   'P 1'
#
_entity_poly.entity_id   1
_entity_poly.type   'polyribonucleotide'
_entity_poly.pdbx_seq_one_letter_code
;GGACUAGCGGAGGCUAGUCC
;
_entity_poly.pdbx_strand_id   A
#